data_4ZSZ
#
_entry.id   4ZSZ
#
_cell.length_a   112.930
_cell.length_b   112.930
_cell.length_c   150.010
_cell.angle_alpha   90.000
_cell.angle_beta   90.000
_cell.angle_gamma   120.000
#
_symmetry.space_group_name_H-M   'P 31 2 1'
#
_entity_poly.entity_id   1
_entity_poly.type   'polypeptide(L)'
_entity_poly.pdbx_seq_one_letter_code
;MVKYEELLKTLENGINSEEGEIRLVRKSQGRFKEEFNFDLSLGSKPLLTLKVFLGRKPYWQPWVEVFGVNPNLRNVFFGS
EAERKLYEFLSEHFGRIFVEYFEDKETTYELQKGVPPALSRLGFELLKLGYTYFRDWFIPEGLMEGGHKIQAEKPKTAEA
KARHLANLKKEFEEFIGKCEDEGLIKKVKERYNFLEEEIYERCRLAAHHCIHACERYLALCTESSREQRQHAGDCADLCR
LAALLLERRSPWAPAACELAARYALACAERCDGDEPLERECAGACRRFVAACHPLL
;
_entity_poly.pdbx_strand_id   A,B
#
# COMPACT_ATOMS: atom_id res chain seq x y z
N VAL A 2 20.70 14.60 15.65
CA VAL A 2 20.13 15.04 16.92
C VAL A 2 18.99 14.12 17.33
N LYS A 3 18.45 13.40 16.34
CA LYS A 3 17.35 12.49 16.54
C LYS A 3 17.65 11.46 17.64
N TYR A 4 18.88 10.94 17.66
CA TYR A 4 19.33 9.99 18.69
C TYR A 4 19.39 10.60 20.08
N GLU A 5 19.93 11.81 20.17
CA GLU A 5 20.13 12.45 21.46
C GLU A 5 18.83 12.93 22.07
N GLU A 6 17.87 13.28 21.22
CA GLU A 6 16.53 13.61 21.70
C GLU A 6 15.96 12.42 22.44
N LEU A 7 16.29 11.23 21.94
CA LEU A 7 15.88 9.98 22.57
C LEU A 7 16.67 9.76 23.84
N LEU A 8 17.99 9.67 23.69
CA LEU A 8 18.89 9.37 24.80
C LEU A 8 18.67 10.30 25.99
N LYS A 9 18.47 11.57 25.68
CA LYS A 9 18.25 12.58 26.71
C LYS A 9 16.94 12.36 27.47
N THR A 10 15.87 12.05 26.74
CA THR A 10 14.57 11.85 27.37
C THR A 10 14.55 10.59 28.24
N LEU A 11 15.20 9.53 27.76
CA LEU A 11 15.26 8.29 28.52
C LEU A 11 16.14 8.39 29.75
N GLU A 12 17.22 9.16 29.64
CA GLU A 12 18.12 9.38 30.77
C GLU A 12 17.39 10.20 31.83
N ASN A 13 16.65 11.22 31.38
CA ASN A 13 15.83 12.03 32.27
C ASN A 13 14.81 11.18 33.01
N GLY A 14 14.24 10.22 32.31
CA GLY A 14 13.28 9.32 32.91
C GLY A 14 11.89 9.72 32.50
N ILE A 15 10.98 8.75 32.53
CA ILE A 15 9.57 8.99 32.24
C ILE A 15 8.73 8.57 33.43
N ASN A 16 8.09 9.53 34.08
CA ASN A 16 7.36 9.22 35.30
C ASN A 16 5.95 8.71 35.07
N SER A 17 5.48 7.88 36.00
CA SER A 17 4.15 7.32 35.94
C SER A 17 3.70 6.86 37.31
N GLU A 18 2.40 6.64 37.46
CA GLU A 18 1.86 6.19 38.73
C GLU A 18 2.41 4.82 39.08
N GLU A 19 2.75 4.04 38.06
CA GLU A 19 3.21 2.69 38.28
C GLU A 19 4.71 2.67 38.55
N GLY A 20 5.34 3.83 38.47
CA GLY A 20 6.76 3.95 38.70
C GLY A 20 7.44 4.74 37.60
N GLU A 21 8.72 5.07 37.80
CA GLU A 21 9.46 5.79 36.78
C GLU A 21 10.20 4.82 35.86
N ILE A 22 10.13 5.10 34.57
CA ILE A 22 10.86 4.35 33.57
C ILE A 22 12.21 5.02 33.32
N ARG A 23 13.28 4.29 33.54
CA ARG A 23 14.61 4.82 33.38
C ARG A 23 15.47 3.91 32.52
N LEU A 24 16.47 4.51 31.88
CA LEU A 24 17.38 3.77 31.02
C LEU A 24 18.38 2.96 31.83
N VAL A 25 18.47 1.65 31.57
CA VAL A 25 19.42 0.79 32.25
C VAL A 25 20.77 0.71 31.56
N ARG A 26 20.78 0.30 30.31
CA ARG A 26 22.01 0.22 29.53
C ARG A 26 21.68 0.34 28.06
N LYS A 27 22.61 0.88 27.28
CA LYS A 27 22.42 1.00 25.85
C LYS A 27 23.55 0.32 25.11
N SER A 28 23.25 -0.18 23.91
CA SER A 28 24.24 -0.91 23.13
C SER A 28 24.00 -0.77 21.64
N GLN A 29 25.11 -0.80 20.90
CA GLN A 29 25.09 -0.68 19.45
C GLN A 29 24.50 -1.93 18.82
N GLY A 30 23.58 -1.72 17.89
CA GLY A 30 22.87 -2.81 17.23
C GLY A 30 23.58 -3.48 16.05
N ARG A 31 22.76 -4.15 15.25
CA ARG A 31 23.16 -4.93 14.08
C ARG A 31 23.86 -4.05 13.04
N PHE A 32 23.25 -2.90 12.76
CA PHE A 32 23.76 -1.94 11.79
C PHE A 32 24.20 -0.64 12.46
N LYS A 33 24.78 0.25 11.68
CA LYS A 33 25.32 1.50 12.21
C LYS A 33 24.24 2.40 12.84
N GLU A 34 23.07 2.47 12.21
CA GLU A 34 21.97 3.29 12.75
C GLU A 34 21.01 2.52 13.66
N GLU A 35 21.45 1.40 14.22
CA GLU A 35 20.62 0.57 15.10
C GLU A 35 21.14 0.52 16.53
N PHE A 36 20.24 0.63 17.50
CA PHE A 36 20.66 0.64 18.91
C PHE A 36 19.68 -0.12 19.81
N ASN A 37 20.19 -0.67 20.91
CA ASN A 37 19.35 -1.37 21.87
C ASN A 37 19.29 -0.66 23.21
N PHE A 38 18.06 -0.37 23.65
CA PHE A 38 17.84 0.30 24.93
C PHE A 38 17.11 -0.59 25.92
N ASP A 39 17.79 -0.91 27.03
CA ASP A 39 17.17 -1.66 28.11
C ASP A 39 16.55 -0.71 29.13
N LEU A 40 15.29 -0.95 29.51
CA LEU A 40 14.58 -0.06 30.44
C LEU A 40 14.17 -0.73 31.74
N SER A 41 14.16 0.05 32.81
CA SER A 41 13.70 -0.44 34.09
C SER A 41 12.45 0.28 34.55
N LEU A 42 11.64 -0.41 35.32
CA LEU A 42 10.48 0.21 35.92
C LEU A 42 10.78 0.32 37.41
N GLY A 43 11.09 1.54 37.84
CA GLY A 43 11.61 1.75 39.17
C GLY A 43 13.01 1.17 39.21
N SER A 44 13.16 0.09 39.96
CA SER A 44 14.44 -0.60 40.04
C SER A 44 14.40 -1.92 39.28
N LYS A 45 13.20 -2.42 39.04
CA LYS A 45 13.05 -3.70 38.35
C LYS A 45 13.13 -3.53 36.84
N PRO A 46 13.76 -4.50 36.15
CA PRO A 46 13.88 -4.49 34.69
C PRO A 46 12.53 -4.54 34.03
N LEU A 47 12.38 -3.81 32.94
CA LEU A 47 11.08 -3.71 32.29
C LEU A 47 11.04 -4.37 30.93
N LEU A 48 11.74 -3.76 29.97
CA LEU A 48 11.71 -4.25 28.61
C LEU A 48 12.87 -3.68 27.82
N THR A 49 12.98 -4.10 26.58
CA THR A 49 14.03 -3.60 25.70
C THR A 49 13.44 -2.91 24.47
N LEU A 50 14.07 -1.81 24.08
CA LEU A 50 13.69 -1.11 22.88
C LEU A 50 14.74 -1.29 21.81
N LYS A 51 14.33 -1.79 20.66
CA LYS A 51 15.24 -1.86 19.52
C LYS A 51 14.85 -0.77 18.54
N VAL A 52 15.75 0.20 18.35
CA VAL A 52 15.42 1.40 17.59
C VAL A 52 16.25 1.58 16.32
N PHE A 53 15.63 2.18 15.31
CA PHE A 53 16.32 2.53 14.08
C PHE A 53 16.08 4.01 13.75
N LEU A 54 17.16 4.80 13.73
CA LEU A 54 17.05 6.24 13.59
C LEU A 54 16.69 6.68 12.18
N GLY A 55 16.82 5.74 11.24
CA GLY A 55 16.48 6.02 9.86
C GLY A 55 17.65 6.38 8.97
N ARG A 56 17.46 6.16 7.68
CA ARG A 56 18.41 6.62 6.68
C ARG A 56 17.68 6.91 5.38
N LYS A 57 17.17 8.13 5.25
CA LYS A 57 16.40 8.57 4.09
C LYS A 57 17.15 8.30 2.78
N PRO A 58 16.41 7.91 1.72
CA PRO A 58 14.95 7.71 1.73
C PRO A 58 14.51 6.24 1.79
N TYR A 59 15.44 5.33 1.55
CA TYR A 59 15.11 3.90 1.41
C TYR A 59 14.79 3.21 2.73
N TRP A 60 15.25 3.81 3.84
CA TRP A 60 15.10 3.19 5.15
C TRP A 60 14.23 4.03 6.08
N GLN A 61 13.04 3.54 6.40
CA GLN A 61 12.16 4.25 7.33
C GLN A 61 12.51 3.91 8.77
N PRO A 62 12.45 4.92 9.67
CA PRO A 62 12.73 4.71 11.09
C PRO A 62 11.61 3.91 11.74
N TRP A 63 11.95 3.13 12.76
CA TRP A 63 10.95 2.35 13.48
C TRP A 63 11.46 1.97 14.86
N VAL A 64 10.55 1.56 15.73
CA VAL A 64 10.93 1.14 17.07
C VAL A 64 10.28 -0.19 17.45
N GLU A 65 11.05 -1.07 18.08
CA GLU A 65 10.53 -2.35 18.51
C GLU A 65 10.70 -2.52 20.00
N VAL A 66 9.57 -2.69 20.69
CA VAL A 66 9.55 -2.94 22.12
C VAL A 66 9.31 -4.43 22.38
N PHE A 67 10.22 -5.04 23.13
CA PHE A 67 10.19 -6.47 23.36
C PHE A 67 10.91 -6.85 24.65
N GLY A 68 10.98 -8.16 24.92
CA GLY A 68 11.66 -8.68 26.10
C GLY A 68 11.07 -8.16 27.39
N VAL A 69 9.76 -8.14 27.44
CA VAL A 69 9.04 -7.65 28.60
C VAL A 69 9.19 -8.62 29.77
N ASN A 70 9.53 -8.08 30.93
CA ASN A 70 9.64 -8.86 32.16
C ASN A 70 8.29 -9.45 32.57
N PRO A 71 8.16 -10.78 32.51
CA PRO A 71 6.92 -11.51 32.78
C PRO A 71 6.37 -11.29 34.18
N ASN A 72 7.23 -10.93 35.12
CA ASN A 72 6.81 -10.68 36.49
C ASN A 72 6.03 -9.39 36.60
N LEU A 73 6.20 -8.53 35.60
CA LEU A 73 5.58 -7.22 35.60
C LEU A 73 4.44 -7.17 34.60
N ARG A 74 4.12 -8.31 34.00
CA ARG A 74 3.18 -8.36 32.89
C ARG A 74 1.77 -7.86 33.25
N ASN A 75 1.34 -8.09 34.48
CA ASN A 75 0.00 -7.70 34.88
C ASN A 75 -0.02 -6.26 35.36
N VAL A 76 1.17 -5.75 35.65
CA VAL A 76 1.32 -4.38 36.11
C VAL A 76 1.46 -3.40 34.95
N PHE A 77 2.31 -3.75 33.99
CA PHE A 77 2.68 -2.84 32.91
C PHE A 77 1.56 -2.68 31.90
N PHE A 78 1.08 -3.80 31.36
CA PHE A 78 0.06 -3.77 30.33
C PHE A 78 -1.22 -3.15 30.86
N GLY A 79 -1.67 -2.09 30.22
CA GLY A 79 -2.90 -1.42 30.61
C GLY A 79 -2.68 -0.36 31.68
N SER A 80 -1.44 0.05 31.84
CA SER A 80 -1.10 1.04 32.85
C SER A 80 -0.74 2.37 32.22
N GLU A 81 -0.69 3.42 33.03
CA GLU A 81 -0.29 4.74 32.56
C GLU A 81 1.17 4.71 32.09
N ALA A 82 1.97 3.87 32.75
CA ALA A 82 3.36 3.69 32.36
C ALA A 82 3.42 3.24 30.91
N GLU A 83 2.52 2.34 30.56
CA GLU A 83 2.44 1.87 29.19
C GLU A 83 2.07 3.02 28.26
N ARG A 84 1.08 3.81 28.65
CA ARG A 84 0.63 4.94 27.83
C ARG A 84 1.74 5.97 27.66
N LYS A 85 2.36 6.36 28.76
CA LYS A 85 3.38 7.40 28.73
C LYS A 85 4.53 7.02 27.80
N LEU A 86 4.87 5.74 27.78
CA LEU A 86 5.95 5.26 26.95
C LEU A 86 5.63 5.41 25.48
N TYR A 87 4.43 4.98 25.12
CA TYR A 87 3.98 5.06 23.73
C TYR A 87 3.83 6.51 23.32
N GLU A 88 3.33 7.34 24.24
CA GLU A 88 3.18 8.76 23.99
C GLU A 88 4.50 9.31 23.51
N PHE A 89 5.56 8.85 24.16
CA PHE A 89 6.92 9.25 23.83
C PHE A 89 7.32 8.75 22.44
N LEU A 90 7.11 7.47 22.19
CA LEU A 90 7.55 6.86 20.94
C LEU A 90 6.84 7.46 19.72
N SER A 91 5.55 7.75 19.88
CA SER A 91 4.73 8.26 18.79
C SER A 91 5.23 9.62 18.32
N GLU A 92 5.99 10.28 19.17
CA GLU A 92 6.54 11.58 18.81
C GLU A 92 7.77 11.44 17.93
N HIS A 93 8.33 10.24 17.86
CA HIS A 93 9.55 10.04 17.08
C HIS A 93 9.45 8.99 15.98
N PHE A 94 8.51 8.06 16.11
CA PHE A 94 8.45 6.94 15.17
C PHE A 94 7.10 6.76 14.49
N GLY A 95 7.14 6.63 13.17
CA GLY A 95 5.95 6.39 12.39
C GLY A 95 5.59 4.92 12.30
N ARG A 96 6.55 4.05 12.61
CA ARG A 96 6.36 2.60 12.53
C ARG A 96 6.77 1.95 13.85
N ILE A 97 5.93 1.06 14.40
CA ILE A 97 6.21 0.48 15.71
C ILE A 97 5.89 -1.02 15.80
N PHE A 98 6.73 -1.78 16.51
CA PHE A 98 6.51 -3.21 16.73
C PHE A 98 6.48 -3.55 18.23
N VAL A 99 5.48 -4.32 18.64
CA VAL A 99 5.32 -4.66 20.05
C VAL A 99 5.10 -6.16 20.29
N GLU A 100 5.97 -6.79 21.10
CA GLU A 100 5.76 -8.18 21.48
C GLU A 100 4.60 -8.31 22.44
N TYR A 101 3.58 -9.08 22.07
CA TYR A 101 2.38 -9.20 22.87
C TYR A 101 2.30 -10.54 23.57
N PHE A 102 3.43 -11.23 23.67
CA PHE A 102 3.48 -12.51 24.37
C PHE A 102 3.02 -12.39 25.83
N GLU A 103 3.53 -11.39 26.54
CA GLU A 103 3.19 -11.25 27.96
C GLU A 103 1.87 -10.52 28.21
N ASP A 104 1.13 -10.25 27.14
CA ASP A 104 -0.17 -9.60 27.29
C ASP A 104 -1.27 -10.61 27.06
N LYS A 105 -1.73 -11.20 28.15
CA LYS A 105 -2.73 -12.24 28.11
C LYS A 105 -4.02 -11.76 27.43
N GLU A 106 -4.45 -10.54 27.75
CA GLU A 106 -5.66 -9.98 27.13
C GLU A 106 -5.54 -9.89 25.61
N THR A 107 -4.52 -9.18 25.14
CA THR A 107 -4.30 -9.02 23.70
C THR A 107 -4.10 -10.34 22.97
N THR A 108 -3.29 -11.23 23.55
CA THR A 108 -3.05 -12.55 22.94
C THR A 108 -4.35 -13.32 22.78
N TYR A 109 -5.10 -13.42 23.88
CA TYR A 109 -6.41 -14.07 23.88
C TYR A 109 -7.33 -13.42 22.85
N GLU A 110 -7.35 -12.09 22.83
CA GLU A 110 -8.16 -11.33 21.87
C GLU A 110 -7.76 -11.62 20.42
N LEU A 111 -6.46 -11.60 20.15
CA LEU A 111 -5.96 -11.88 18.81
C LEU A 111 -6.26 -13.32 18.38
N GLN A 112 -6.20 -14.22 19.35
CA GLN A 112 -6.47 -15.63 19.12
C GLN A 112 -7.93 -15.85 18.76
N LYS A 113 -8.80 -15.01 19.32
CA LYS A 113 -10.22 -15.13 19.08
C LYS A 113 -10.63 -14.31 17.87
N GLY A 114 -9.64 -13.76 17.18
CA GLY A 114 -9.88 -13.16 15.87
C GLY A 114 -10.19 -11.67 15.82
N VAL A 115 -10.03 -10.95 16.93
CA VAL A 115 -10.25 -9.51 16.90
C VAL A 115 -9.22 -8.86 15.99
N PRO A 116 -9.63 -7.80 15.28
CA PRO A 116 -8.68 -7.02 14.49
C PRO A 116 -7.58 -6.45 15.37
N PRO A 117 -6.35 -6.42 14.86
CA PRO A 117 -5.17 -5.98 15.62
C PRO A 117 -5.39 -4.61 16.24
N ALA A 118 -6.01 -3.71 15.48
CA ALA A 118 -6.25 -2.35 15.95
C ALA A 118 -7.25 -2.26 17.11
N LEU A 119 -8.14 -3.24 17.23
CA LEU A 119 -9.20 -3.16 18.24
C LEU A 119 -8.90 -4.05 19.42
N SER A 120 -7.68 -4.57 19.44
CA SER A 120 -7.21 -5.32 20.58
C SER A 120 -6.85 -4.33 21.67
N ARG A 121 -6.73 -4.81 22.90
CA ARG A 121 -6.40 -3.96 24.04
C ARG A 121 -5.13 -3.16 23.77
N LEU A 122 -4.10 -3.85 23.28
CA LEU A 122 -2.83 -3.22 22.99
C LEU A 122 -2.94 -2.35 21.75
N GLY A 123 -3.51 -2.92 20.69
CA GLY A 123 -3.62 -2.21 19.43
C GLY A 123 -4.41 -0.93 19.60
N PHE A 124 -5.38 -0.97 20.51
CA PHE A 124 -6.22 0.18 20.73
C PHE A 124 -5.40 1.36 21.24
N GLU A 125 -4.40 1.05 22.07
CA GLU A 125 -3.56 2.09 22.64
C GLU A 125 -2.73 2.79 21.57
N LEU A 126 -2.33 2.05 20.55
CA LEU A 126 -1.59 2.65 19.45
C LEU A 126 -2.50 3.43 18.52
N LEU A 127 -3.71 2.92 18.35
CA LEU A 127 -4.70 3.57 17.51
C LEU A 127 -5.00 4.99 17.97
N LYS A 128 -5.11 5.14 19.29
CA LYS A 128 -5.42 6.43 19.89
C LYS A 128 -4.37 7.47 19.55
N LEU A 129 -3.15 7.00 19.29
CA LEU A 129 -2.02 7.89 19.05
C LEU A 129 -1.82 8.20 17.58
N GLY A 130 -2.75 7.74 16.75
CA GLY A 130 -2.71 8.07 15.35
C GLY A 130 -2.22 6.97 14.42
N TYR A 131 -1.87 5.81 14.98
CA TYR A 131 -1.44 4.70 14.15
C TYR A 131 -2.64 4.04 13.50
N THR A 132 -2.61 3.92 12.17
CA THR A 132 -3.77 3.47 11.43
C THR A 132 -3.58 2.12 10.72
N TYR A 133 -2.36 1.76 10.35
CA TYR A 133 -2.13 0.50 9.64
C TYR A 133 -1.64 -0.61 10.55
N PHE A 134 -2.31 -1.75 10.52
CA PHE A 134 -1.97 -2.85 11.42
C PHE A 134 -1.72 -4.18 10.72
N ARG A 135 -0.76 -4.92 11.25
CA ARG A 135 -0.44 -6.28 10.81
C ARG A 135 -0.09 -7.13 12.01
N ASP A 136 -0.77 -8.27 12.14
CA ASP A 136 -0.51 -9.17 13.25
C ASP A 136 0.38 -10.32 12.79
N TRP A 137 1.60 -10.36 13.30
CA TRP A 137 2.47 -11.48 13.03
C TRP A 137 2.22 -12.50 14.11
N PHE A 138 1.84 -13.71 13.72
CA PHE A 138 1.55 -14.76 14.67
C PHE A 138 2.19 -16.00 14.11
N ILE A 139 2.57 -15.92 12.85
CA ILE A 139 3.24 -17.01 12.15
C ILE A 139 4.77 -16.89 12.02
N PRO A 140 5.51 -17.42 13.01
CA PRO A 140 6.95 -17.66 12.84
C PRO A 140 7.17 -18.94 12.04
N GLU A 141 6.73 -20.05 12.62
CA GLU A 141 6.82 -21.38 12.04
C GLU A 141 8.22 -21.75 11.54
N GLY A 142 9.23 -21.10 12.10
CA GLY A 142 10.61 -21.34 11.72
C GLY A 142 11.05 -20.61 10.46
N LEU A 143 10.19 -19.74 9.93
CA LEU A 143 10.46 -18.99 8.69
C LEU A 143 11.01 -17.59 9.02
N MET A 144 10.48 -16.98 10.09
CA MET A 144 10.95 -15.68 10.56
C MET A 144 11.08 -15.69 12.08
N GLU A 145 12.25 -15.32 12.59
CA GLU A 145 12.50 -15.33 14.04
C GLU A 145 11.90 -14.11 14.76
N GLY A 146 11.29 -14.40 15.92
CA GLY A 146 10.56 -13.43 16.72
C GLY A 146 9.24 -13.04 16.10
N GLY A 147 8.40 -14.04 15.81
CA GLY A 147 7.16 -13.85 15.10
C GLY A 147 5.88 -13.63 15.89
N HIS A 148 5.96 -12.94 17.02
CA HIS A 148 4.75 -12.60 17.77
C HIS A 148 4.72 -11.11 18.10
N LYS A 149 4.44 -10.30 17.09
CA LYS A 149 4.49 -8.85 17.25
C LYS A 149 3.31 -8.19 16.54
N ILE A 150 2.88 -7.04 17.05
CA ILE A 150 1.89 -6.24 16.33
C ILE A 150 2.58 -5.08 15.66
N GLN A 151 2.37 -4.95 14.37
CA GLN A 151 2.98 -3.88 13.60
C GLN A 151 1.97 -2.77 13.37
N ALA A 152 2.35 -1.54 13.70
CA ALA A 152 1.46 -0.40 13.52
C ALA A 152 2.18 0.78 12.87
N GLU A 153 1.54 1.41 11.90
CA GLU A 153 2.13 2.56 11.23
C GLU A 153 1.20 3.76 11.15
N LYS A 154 1.77 4.95 11.20
CA LYS A 154 1.00 6.18 10.99
C LYS A 154 0.75 6.33 9.50
N PRO A 155 -0.41 6.89 9.14
CA PRO A 155 -0.79 6.97 7.73
C PRO A 155 0.11 7.87 6.89
N LYS A 156 0.37 7.46 5.66
CA LYS A 156 1.22 8.19 4.73
C LYS A 156 0.57 9.51 4.34
N THR A 157 -0.73 9.46 4.05
CA THR A 157 -1.49 10.62 3.62
C THR A 157 -2.86 10.61 4.28
N ALA A 158 -3.59 11.69 4.09
CA ALA A 158 -4.97 11.76 4.55
C ALA A 158 -5.78 10.68 3.84
N GLU A 159 -5.37 10.39 2.60
CA GLU A 159 -6.00 9.35 1.80
C GLU A 159 -5.77 7.99 2.43
N ALA A 160 -4.53 7.76 2.84
CA ALA A 160 -4.13 6.52 3.46
C ALA A 160 -4.83 6.32 4.81
N LYS A 161 -4.93 7.41 5.58
CA LYS A 161 -5.57 7.37 6.88
C LYS A 161 -7.00 6.87 6.73
N ALA A 162 -7.70 7.43 5.74
CA ALA A 162 -9.07 7.04 5.48
C ALA A 162 -9.16 5.62 4.95
N ARG A 163 -8.19 5.23 4.14
CA ARG A 163 -8.16 3.89 3.57
C ARG A 163 -8.13 2.88 4.69
N HIS A 164 -7.28 3.14 5.69
CA HIS A 164 -7.11 2.24 6.80
C HIS A 164 -8.35 2.14 7.66
N LEU A 165 -8.95 3.27 7.98
CA LEU A 165 -10.10 3.26 8.87
C LEU A 165 -11.28 2.57 8.22
N ALA A 166 -11.43 2.77 6.93
CA ALA A 166 -12.51 2.15 6.19
C ALA A 166 -12.34 0.64 6.21
N ASN A 167 -11.09 0.21 6.02
CA ASN A 167 -10.78 -1.22 6.05
C ASN A 167 -11.04 -1.78 7.45
N LEU A 168 -10.71 -0.98 8.45
CA LEU A 168 -10.89 -1.38 9.82
C LEU A 168 -12.37 -1.56 10.14
N LYS A 169 -13.19 -0.71 9.53
CA LYS A 169 -14.64 -0.81 9.68
C LYS A 169 -15.13 -2.16 9.21
N LYS A 170 -14.56 -2.62 8.10
CA LYS A 170 -14.93 -3.91 7.52
C LYS A 170 -14.51 -5.07 8.43
N GLU A 171 -13.29 -5.02 8.95
CA GLU A 171 -12.79 -6.10 9.80
C GLU A 171 -13.61 -6.17 11.07
N PHE A 172 -14.04 -5.00 11.55
CA PHE A 172 -14.82 -4.91 12.77
C PHE A 172 -16.15 -5.60 12.61
N GLU A 173 -16.89 -5.22 11.57
CA GLU A 173 -18.19 -5.80 11.31
C GLU A 173 -18.10 -7.31 11.01
N GLU A 174 -17.06 -7.70 10.27
CA GLU A 174 -16.82 -9.11 9.98
C GLU A 174 -16.58 -9.93 11.24
N PHE A 175 -15.84 -9.34 12.17
CA PHE A 175 -15.57 -9.96 13.46
C PHE A 175 -16.83 -10.09 14.33
N ILE A 176 -17.60 -9.00 14.42
CA ILE A 176 -18.82 -8.96 15.24
C ILE A 176 -19.81 -10.07 14.90
N GLY A 177 -20.04 -10.25 13.60
CA GLY A 177 -20.97 -11.25 13.14
C GLY A 177 -20.43 -12.65 13.37
N LYS A 178 -19.12 -12.77 13.48
CA LYS A 178 -18.51 -14.08 13.61
C LYS A 178 -18.30 -14.44 15.08
N CYS A 179 -18.30 -13.43 15.95
CA CYS A 179 -18.03 -13.68 17.37
C CYS A 179 -19.26 -14.07 18.19
N GLU A 180 -19.05 -14.90 19.21
CA GLU A 180 -20.12 -15.39 20.07
C GLU A 180 -19.88 -15.06 21.54
N ASP A 181 -19.00 -14.11 21.80
CA ASP A 181 -18.69 -13.71 23.17
C ASP A 181 -19.19 -12.30 23.44
N GLU A 182 -20.25 -12.18 24.24
CA GLU A 182 -20.85 -10.89 24.53
C GLU A 182 -19.89 -9.97 25.31
N GLY A 183 -19.14 -10.54 26.25
CA GLY A 183 -18.15 -9.77 26.98
C GLY A 183 -17.06 -9.23 26.08
N LEU A 184 -16.58 -10.09 25.17
CA LEU A 184 -15.57 -9.69 24.21
C LEU A 184 -16.11 -8.65 23.23
N ILE A 185 -17.27 -8.96 22.65
CA ILE A 185 -17.91 -8.04 21.71
C ILE A 185 -18.16 -6.68 22.35
N LYS A 186 -18.59 -6.67 23.61
CA LYS A 186 -18.86 -5.41 24.32
C LYS A 186 -17.62 -4.52 24.40
N LYS A 187 -16.49 -5.12 24.79
CA LYS A 187 -15.23 -4.41 24.87
C LYS A 187 -14.80 -3.85 23.51
N VAL A 188 -14.90 -4.68 22.48
CA VAL A 188 -14.52 -4.27 21.13
C VAL A 188 -15.37 -3.10 20.64
N LYS A 189 -16.67 -3.18 20.87
CA LYS A 189 -17.59 -2.12 20.43
C LYS A 189 -17.30 -0.81 21.15
N GLU A 190 -17.02 -0.91 22.44
CA GLU A 190 -16.67 0.26 23.24
C GLU A 190 -15.43 0.94 22.68
N ARG A 191 -14.45 0.15 22.29
CA ARG A 191 -13.24 0.68 21.68
C ARG A 191 -13.56 1.30 20.32
N TYR A 192 -14.34 0.59 19.53
CA TYR A 192 -14.73 1.03 18.20
C TYR A 192 -15.52 2.32 18.22
N ASN A 193 -16.45 2.43 19.17
CA ASN A 193 -17.26 3.65 19.30
C ASN A 193 -16.42 4.90 19.49
N PHE A 194 -15.42 4.81 20.35
CA PHE A 194 -14.51 5.91 20.60
C PHE A 194 -13.80 6.32 19.32
N LEU A 195 -13.57 5.33 18.47
CA LEU A 195 -12.98 5.57 17.16
C LEU A 195 -13.91 6.36 16.25
N GLU A 196 -15.19 5.97 16.25
CA GLU A 196 -16.20 6.66 15.47
C GLU A 196 -16.25 8.14 15.80
N GLU A 197 -16.15 8.43 17.09
CA GLU A 197 -16.22 9.81 17.54
C GLU A 197 -15.13 10.64 16.89
N GLU A 198 -13.92 10.10 16.90
CA GLU A 198 -12.80 10.81 16.29
C GLU A 198 -13.00 10.99 14.79
N ILE A 199 -13.63 10.00 14.16
CA ILE A 199 -13.87 10.03 12.72
C ILE A 199 -14.93 11.07 12.31
N TYR A 200 -16.04 11.10 13.04
CA TYR A 200 -17.10 12.05 12.76
C TYR A 200 -16.65 13.49 12.95
N GLU A 201 -15.84 13.71 13.99
CA GLU A 201 -15.33 15.05 14.28
C GLU A 201 -14.37 15.51 13.20
N ARG A 202 -13.70 14.56 12.56
CA ARG A 202 -12.82 14.88 11.44
C ARG A 202 -13.63 15.32 10.22
N CYS A 203 -14.79 14.69 10.00
CA CYS A 203 -15.65 15.09 8.89
C CYS A 203 -16.18 16.50 9.11
N ARG A 204 -16.51 16.79 10.36
CA ARG A 204 -17.01 18.10 10.73
C ARG A 204 -16.09 19.21 10.28
N LEU A 205 -14.80 19.05 10.57
CA LEU A 205 -13.82 20.08 10.31
C LEU A 205 -13.43 20.09 8.84
N ALA A 206 -13.33 18.90 8.28
CA ALA A 206 -13.09 18.75 6.85
C ALA A 206 -14.23 19.38 6.06
N ALA A 207 -15.45 19.25 6.57
CA ALA A 207 -16.61 19.85 5.92
C ALA A 207 -16.48 21.37 5.91
N HIS A 208 -16.20 21.93 7.08
CA HIS A 208 -16.07 23.38 7.21
C HIS A 208 -14.89 23.98 6.47
N HIS A 209 -13.73 23.33 6.56
CA HIS A 209 -12.54 23.83 5.88
C HIS A 209 -12.76 23.75 4.37
N CYS A 210 -13.74 22.93 3.99
CA CYS A 210 -14.18 22.81 2.61
C CYS A 210 -15.24 23.87 2.29
N ILE A 211 -16.16 24.07 3.22
CA ILE A 211 -17.21 25.09 3.06
C ILE A 211 -16.64 26.48 2.87
N HIS A 212 -15.75 26.89 3.77
CA HIS A 212 -15.14 28.21 3.68
C HIS A 212 -14.31 28.35 2.41
N ALA A 213 -13.69 27.25 1.99
CA ALA A 213 -12.85 27.24 0.81
C ALA A 213 -13.68 27.47 -0.44
N CYS A 214 -14.86 26.84 -0.49
CA CYS A 214 -15.75 27.01 -1.62
C CYS A 214 -16.37 28.41 -1.67
N GLU A 215 -16.76 28.92 -0.50
CA GLU A 215 -17.30 30.27 -0.39
C GLU A 215 -16.29 31.28 -0.92
N ARG A 216 -15.06 31.17 -0.45
CA ARG A 216 -14.00 32.08 -0.86
C ARG A 216 -13.73 31.93 -2.35
N TYR A 217 -13.90 30.73 -2.88
CA TYR A 217 -13.70 30.49 -4.31
C TYR A 217 -14.70 31.26 -5.17
N LEU A 218 -15.97 30.90 -5.08
CA LEU A 218 -17.02 31.51 -5.89
C LEU A 218 -17.19 33.01 -5.65
N ALA A 219 -16.80 33.48 -4.47
CA ALA A 219 -16.89 34.89 -4.13
C ALA A 219 -15.84 35.72 -4.87
N LEU A 220 -14.57 35.37 -4.69
CA LEU A 220 -13.47 36.20 -5.20
C LEU A 220 -13.05 35.85 -6.64
N CYS A 221 -13.06 34.57 -6.96
CA CYS A 221 -12.70 34.13 -8.30
C CYS A 221 -13.82 34.44 -9.31
N THR A 222 -13.65 35.54 -10.04
CA THR A 222 -14.68 36.01 -10.97
C THR A 222 -14.59 35.35 -12.35
N GLU A 223 -13.37 35.03 -12.77
CA GLU A 223 -13.15 34.41 -14.07
C GLU A 223 -13.36 32.91 -13.97
N SER A 224 -14.60 32.50 -13.68
CA SER A 224 -14.93 31.09 -13.59
C SER A 224 -16.24 30.82 -14.32
N SER A 225 -16.49 29.56 -14.64
CA SER A 225 -17.71 29.21 -15.37
C SER A 225 -18.95 29.32 -14.51
N ARG A 226 -20.11 29.10 -15.12
CA ARG A 226 -21.37 29.15 -14.39
C ARG A 226 -21.63 27.74 -13.90
N GLU A 227 -21.04 26.78 -14.59
CA GLU A 227 -21.07 25.41 -14.15
C GLU A 227 -20.18 25.29 -12.93
N GLN A 228 -19.19 26.18 -12.86
CA GLN A 228 -18.25 26.18 -11.74
C GLN A 228 -18.78 26.95 -10.53
N ARG A 229 -19.59 27.98 -10.78
CA ARG A 229 -20.21 28.69 -9.67
C ARG A 229 -21.28 27.81 -9.05
N GLN A 230 -21.82 26.89 -9.84
CA GLN A 230 -22.85 25.98 -9.36
C GLN A 230 -22.25 24.75 -8.65
N HIS A 231 -21.07 24.32 -9.09
CA HIS A 231 -20.36 23.21 -8.46
C HIS A 231 -19.95 23.58 -7.04
N ALA A 232 -19.17 24.66 -6.93
CA ALA A 232 -18.67 25.12 -5.64
C ALA A 232 -19.81 25.62 -4.77
N GLY A 233 -20.86 26.13 -5.41
CA GLY A 233 -22.01 26.59 -4.67
C GLY A 233 -22.69 25.42 -3.98
N ASP A 234 -23.15 24.46 -4.76
CA ASP A 234 -23.92 23.35 -4.22
C ASP A 234 -23.11 22.52 -3.23
N CYS A 235 -21.83 22.32 -3.55
CA CYS A 235 -20.94 21.56 -2.68
C CYS A 235 -20.89 22.20 -1.29
N ALA A 236 -20.78 23.52 -1.24
CA ALA A 236 -20.72 24.26 0.01
C ALA A 236 -21.93 23.98 0.90
N ASP A 237 -23.09 23.83 0.28
CA ASP A 237 -24.31 23.53 1.01
C ASP A 237 -24.45 22.04 1.32
N LEU A 238 -23.92 21.20 0.43
CA LEU A 238 -23.93 19.77 0.68
C LEU A 238 -23.12 19.46 1.93
N CYS A 239 -21.93 20.06 2.03
CA CYS A 239 -21.08 19.88 3.20
C CYS A 239 -21.75 20.46 4.43
N ARG A 240 -22.57 21.47 4.21
CA ARG A 240 -23.27 22.13 5.31
C ARG A 240 -24.28 21.17 5.90
N LEU A 241 -25.06 20.54 5.03
CA LEU A 241 -26.05 19.56 5.47
C LEU A 241 -25.35 18.42 6.18
N ALA A 242 -24.29 17.92 5.57
CA ALA A 242 -23.52 16.81 6.14
C ALA A 242 -22.97 17.19 7.51
N ALA A 243 -22.39 18.38 7.61
CA ALA A 243 -21.85 18.87 8.87
C ALA A 243 -22.95 18.90 9.92
N LEU A 244 -24.14 19.30 9.50
CA LEU A 244 -25.28 19.39 10.40
C LEU A 244 -25.58 18.04 11.05
N LEU A 245 -25.50 16.96 10.27
CA LEU A 245 -25.82 15.62 10.76
C LEU A 245 -24.76 15.06 11.72
N LEU A 246 -23.50 15.38 11.50
CA LEU A 246 -22.43 14.92 12.38
C LEU A 246 -22.50 15.62 13.73
N GLU A 247 -22.85 16.89 13.70
CA GLU A 247 -22.94 17.72 14.91
C GLU A 247 -23.89 17.12 15.93
N ARG A 248 -25.02 16.62 15.44
CA ARG A 248 -25.99 15.95 16.29
C ARG A 248 -25.69 14.45 16.35
N ARG A 249 -24.67 14.04 15.61
CA ARG A 249 -24.28 12.63 15.51
C ARG A 249 -25.47 11.74 15.16
N SER A 250 -26.07 11.99 13.99
CA SER A 250 -27.25 11.26 13.56
C SER A 250 -26.90 9.97 12.82
N PRO A 251 -27.77 8.95 12.93
CA PRO A 251 -27.57 7.67 12.24
C PRO A 251 -27.67 7.78 10.73
N TRP A 252 -28.35 8.80 10.23
CA TRP A 252 -28.51 8.93 8.78
C TRP A 252 -27.38 9.72 8.16
N ALA A 253 -26.40 10.06 8.99
CA ALA A 253 -25.27 10.86 8.55
C ALA A 253 -24.47 10.22 7.40
N PRO A 254 -24.10 8.92 7.50
CA PRO A 254 -23.23 8.43 6.43
C PRO A 254 -23.87 8.44 5.05
N ALA A 255 -25.20 8.32 4.99
CA ALA A 255 -25.91 8.41 3.71
C ALA A 255 -25.66 9.76 3.05
N ALA A 256 -25.70 10.81 3.86
CA ALA A 256 -25.48 12.16 3.38
C ALA A 256 -24.04 12.41 2.97
N CYS A 257 -23.10 11.96 3.79
CA CYS A 257 -21.68 12.12 3.49
C CYS A 257 -21.36 11.45 2.18
N GLU A 258 -22.06 10.35 1.91
CA GLU A 258 -21.91 9.62 0.66
C GLU A 258 -22.23 10.50 -0.55
N LEU A 259 -23.35 11.20 -0.49
CA LEU A 259 -23.74 12.08 -1.59
C LEU A 259 -22.79 13.26 -1.68
N ALA A 260 -22.55 13.89 -0.54
CA ALA A 260 -21.70 15.05 -0.46
C ALA A 260 -20.29 14.76 -0.97
N ALA A 261 -19.80 13.55 -0.70
CA ALA A 261 -18.47 13.17 -1.14
C ALA A 261 -18.41 13.11 -2.67
N ARG A 262 -19.49 12.63 -3.27
CA ARG A 262 -19.55 12.49 -4.72
C ARG A 262 -19.42 13.82 -5.43
N TYR A 263 -20.13 14.83 -4.93
CA TYR A 263 -20.11 16.13 -5.59
C TYR A 263 -19.04 17.04 -4.99
N ALA A 264 -18.31 16.54 -4.00
CA ALA A 264 -17.13 17.23 -3.52
C ALA A 264 -15.99 16.85 -4.43
N LEU A 265 -16.00 15.59 -4.85
CA LEU A 265 -15.05 15.08 -5.84
C LEU A 265 -15.28 15.71 -7.20
N ALA A 266 -16.55 15.82 -7.58
CA ALA A 266 -16.93 16.44 -8.85
C ALA A 266 -16.49 17.90 -8.88
N CYS A 267 -16.58 18.54 -7.72
CA CYS A 267 -16.20 19.94 -7.56
C CYS A 267 -14.69 20.14 -7.69
N ALA A 268 -13.93 19.29 -7.00
CA ALA A 268 -12.47 19.36 -7.02
C ALA A 268 -11.89 19.15 -8.42
N GLU A 269 -12.35 18.11 -9.11
CA GLU A 269 -11.89 17.81 -10.47
C GLU A 269 -12.18 18.95 -11.46
N ARG A 270 -13.34 19.59 -11.31
CA ARG A 270 -13.79 20.57 -12.29
C ARG A 270 -13.28 21.99 -11.99
N CYS A 271 -13.09 22.30 -10.72
CA CYS A 271 -12.68 23.65 -10.31
C CYS A 271 -11.19 23.80 -10.05
N ASP A 272 -10.46 22.70 -10.07
CA ASP A 272 -9.03 22.76 -9.79
C ASP A 272 -8.32 23.49 -10.91
N GLY A 273 -7.35 24.32 -10.54
CA GLY A 273 -6.60 25.08 -11.53
C GLY A 273 -5.28 25.60 -10.96
N ASP A 274 -4.71 26.58 -11.66
CA ASP A 274 -3.43 27.15 -11.28
C ASP A 274 -3.52 28.16 -10.13
N GLU A 275 -4.65 28.87 -10.05
CA GLU A 275 -4.84 29.89 -9.02
C GLU A 275 -4.74 29.34 -7.61
N PRO A 276 -4.31 30.19 -6.66
CA PRO A 276 -4.27 29.78 -5.25
C PRO A 276 -5.67 29.50 -4.71
N LEU A 277 -6.67 30.18 -5.26
CA LEU A 277 -8.05 29.98 -4.83
C LEU A 277 -8.56 28.59 -5.22
N GLU A 278 -8.23 28.15 -6.43
CA GLU A 278 -8.69 26.86 -6.92
C GLU A 278 -7.81 25.73 -6.41
N ARG A 279 -6.61 26.10 -5.97
CA ARG A 279 -5.67 25.16 -5.39
C ARG A 279 -6.16 24.66 -4.02
N GLU A 280 -6.71 25.58 -3.23
CA GLU A 280 -7.18 25.26 -1.89
C GLU A 280 -8.63 24.82 -1.93
N CYS A 281 -9.34 25.22 -2.99
CA CYS A 281 -10.72 24.81 -3.20
C CYS A 281 -10.82 23.32 -3.46
N ALA A 282 -10.20 22.88 -4.56
CA ALA A 282 -10.16 21.46 -4.91
C ALA A 282 -9.47 20.67 -3.80
N GLY A 283 -8.45 21.28 -3.21
CA GLY A 283 -7.73 20.69 -2.10
C GLY A 283 -8.61 20.37 -0.91
N ALA A 284 -9.26 21.39 -0.37
CA ALA A 284 -10.12 21.22 0.80
C ALA A 284 -11.31 20.31 0.49
N CYS A 285 -11.71 20.24 -0.78
CA CYS A 285 -12.75 19.31 -1.21
C CYS A 285 -12.28 17.89 -1.04
N ARG A 286 -11.08 17.62 -1.54
CA ARG A 286 -10.50 16.29 -1.50
C ARG A 286 -10.19 15.85 -0.07
N ARG A 287 -9.95 16.80 0.82
CA ARG A 287 -9.72 16.47 2.23
C ARG A 287 -11.01 15.99 2.88
N PHE A 288 -12.13 16.52 2.41
CA PHE A 288 -13.43 16.10 2.92
C PHE A 288 -13.86 14.75 2.38
N VAL A 289 -13.61 14.51 1.08
CA VAL A 289 -13.96 13.25 0.45
C VAL A 289 -13.32 12.09 1.19
N ALA A 290 -12.08 12.30 1.63
CA ALA A 290 -11.37 11.30 2.41
C ALA A 290 -12.06 11.04 3.74
N ALA A 291 -12.54 12.11 4.37
CA ALA A 291 -13.15 12.01 5.70
C ALA A 291 -14.37 11.09 5.70
N CYS A 292 -15.07 11.05 4.57
CA CYS A 292 -16.31 10.28 4.45
C CYS A 292 -16.10 8.78 4.22
N HIS A 293 -14.94 8.44 3.71
CA HIS A 293 -14.64 7.05 3.37
C HIS A 293 -14.90 6.05 4.50
N PRO A 294 -14.40 6.33 5.73
CA PRO A 294 -14.65 5.32 6.77
C PRO A 294 -16.12 5.21 7.17
N LEU A 295 -16.96 6.05 6.59
CA LEU A 295 -18.40 5.97 6.82
C LEU A 295 -19.05 5.04 5.82
N VAL B 2 19.81 -18.82 0.57
CA VAL B 2 19.86 -19.27 -0.82
C VAL B 2 19.36 -18.20 -1.78
N LYS B 3 18.63 -17.22 -1.25
CA LYS B 3 18.11 -16.11 -2.05
C LYS B 3 19.22 -15.37 -2.82
N TYR B 4 20.35 -15.13 -2.16
CA TYR B 4 21.51 -14.47 -2.77
C TYR B 4 22.15 -15.33 -3.87
N GLU B 5 22.26 -16.63 -3.60
CA GLU B 5 22.95 -17.55 -4.52
C GLU B 5 22.14 -17.81 -5.79
N GLU B 6 20.82 -17.73 -5.69
CA GLU B 6 19.96 -17.78 -6.87
C GLU B 6 20.32 -16.62 -7.79
N LEU B 7 20.68 -15.49 -7.18
CA LEU B 7 21.12 -14.31 -7.92
C LEU B 7 22.52 -14.50 -8.49
N LEU B 8 23.49 -14.75 -7.60
CA LEU B 8 24.89 -14.91 -8.00
C LEU B 8 25.07 -15.96 -9.10
N LYS B 9 24.32 -17.05 -9.01
CA LYS B 9 24.40 -18.13 -10.00
C LYS B 9 23.93 -17.69 -11.40
N THR B 10 22.83 -16.93 -11.46
CA THR B 10 22.29 -16.46 -12.73
C THR B 10 23.19 -15.42 -13.42
N LEU B 11 23.76 -14.51 -12.63
CA LEU B 11 24.67 -13.48 -13.17
C LEU B 11 26.02 -14.04 -13.61
N GLU B 12 26.50 -15.05 -12.88
CA GLU B 12 27.75 -15.72 -13.21
C GLU B 12 27.58 -16.50 -14.51
N ASN B 13 26.46 -17.22 -14.62
CA ASN B 13 26.13 -17.94 -15.84
C ASN B 13 26.00 -16.97 -17.02
N GLY B 14 25.41 -15.82 -16.74
CA GLY B 14 25.23 -14.78 -17.75
C GLY B 14 23.79 -14.73 -18.25
N ILE B 15 23.39 -13.57 -18.74
CA ILE B 15 22.07 -13.41 -19.35
C ILE B 15 22.25 -12.93 -20.79
N ASN B 16 21.90 -13.78 -21.76
CA ASN B 16 22.15 -13.47 -23.16
C ASN B 16 21.03 -12.65 -23.84
N SER B 17 21.44 -11.86 -24.83
CA SER B 17 20.53 -10.99 -25.59
C SER B 17 21.18 -10.64 -26.92
N GLU B 18 20.39 -10.10 -27.84
CA GLU B 18 20.89 -9.72 -29.15
C GLU B 18 21.95 -8.60 -29.08
N GLU B 19 21.87 -7.75 -28.07
CA GLU B 19 22.81 -6.64 -27.94
C GLU B 19 24.08 -7.05 -27.19
N GLY B 20 24.12 -8.31 -26.76
CA GLY B 20 25.27 -8.85 -26.06
C GLY B 20 24.92 -9.60 -24.79
N GLU B 21 25.89 -10.31 -24.23
CA GLU B 21 25.67 -11.03 -22.97
C GLU B 21 26.06 -10.21 -21.76
N ILE B 22 25.18 -10.18 -20.78
CA ILE B 22 25.43 -9.50 -19.51
C ILE B 22 26.05 -10.47 -18.51
N ARG B 23 27.25 -10.14 -18.03
CA ARG B 23 27.92 -11.00 -17.07
C ARG B 23 28.42 -10.21 -15.88
N LEU B 24 28.62 -10.90 -14.76
CA LEU B 24 29.12 -10.28 -13.54
C LEU B 24 30.61 -9.98 -13.64
N VAL B 25 30.99 -8.72 -13.42
CA VAL B 25 32.40 -8.32 -13.43
C VAL B 25 33.01 -8.47 -12.05
N ARG B 26 32.41 -7.80 -11.07
CA ARG B 26 32.89 -7.85 -9.70
C ARG B 26 31.75 -7.58 -8.73
N LYS B 27 31.83 -8.20 -7.56
CA LYS B 27 30.86 -8.00 -6.50
C LYS B 27 31.61 -7.51 -5.27
N SER B 28 30.95 -6.71 -4.45
CA SER B 28 31.61 -6.12 -3.29
C SER B 28 30.61 -5.85 -2.19
N GLN B 29 31.06 -5.91 -0.94
CA GLN B 29 30.18 -5.67 0.19
C GLN B 29 29.83 -4.16 0.24
N GLY B 30 28.53 -3.85 0.33
CA GLY B 30 28.03 -2.48 0.35
C GLY B 30 28.13 -1.86 1.74
N ARG B 31 27.36 -0.82 2.00
CA ARG B 31 27.40 -0.20 3.33
C ARG B 31 26.92 -1.10 4.47
N PHE B 32 25.86 -1.87 4.23
CA PHE B 32 25.33 -2.75 5.27
C PHE B 32 25.49 -4.24 4.95
N LYS B 33 25.19 -5.10 5.92
CA LYS B 33 25.39 -6.55 5.78
C LYS B 33 24.53 -7.18 4.68
N GLU B 34 23.27 -6.75 4.58
CA GLU B 34 22.35 -7.27 3.57
C GLU B 34 22.42 -6.40 2.31
N GLU B 35 23.52 -5.67 2.16
CA GLU B 35 23.77 -4.82 1.00
C GLU B 35 24.99 -5.26 0.19
N PHE B 36 24.84 -5.31 -1.13
CA PHE B 36 25.92 -5.73 -2.01
C PHE B 36 25.95 -4.91 -3.30
N ASN B 37 27.14 -4.75 -3.89
CA ASN B 37 27.29 -4.04 -5.15
C ASN B 37 27.72 -4.95 -6.30
N PHE B 38 26.94 -4.97 -7.37
CA PHE B 38 27.26 -5.82 -8.52
C PHE B 38 27.59 -5.02 -9.76
N ASP B 39 28.82 -5.16 -10.22
CA ASP B 39 29.27 -4.53 -11.45
C ASP B 39 28.98 -5.45 -12.62
N LEU B 40 28.33 -4.92 -13.66
CA LEU B 40 27.97 -5.74 -14.81
C LEU B 40 28.60 -5.26 -16.11
N SER B 41 28.88 -6.20 -17.01
CA SER B 41 29.40 -5.88 -18.34
C SER B 41 28.44 -6.30 -19.43
N LEU B 42 28.49 -5.61 -20.56
CA LEU B 42 27.73 -5.98 -21.74
C LEU B 42 28.67 -6.51 -22.82
N GLY B 43 28.69 -7.83 -22.99
CA GLY B 43 29.71 -8.43 -23.82
C GLY B 43 31.02 -8.34 -23.07
N SER B 44 31.92 -7.49 -23.56
CA SER B 44 33.19 -7.24 -22.88
C SER B 44 33.24 -5.85 -22.23
N LYS B 45 32.36 -4.94 -22.70
CA LYS B 45 32.33 -3.56 -22.20
C LYS B 45 31.51 -3.38 -20.92
N PRO B 46 31.95 -2.46 -20.04
CA PRO B 46 31.22 -2.16 -18.80
C PRO B 46 29.83 -1.60 -19.07
N LEU B 47 28.86 -2.04 -18.26
CA LEU B 47 27.47 -1.66 -18.45
C LEU B 47 26.95 -0.78 -17.31
N LEU B 48 26.80 -1.38 -16.13
CA LEU B 48 26.25 -0.70 -14.97
C LEU B 48 26.51 -1.45 -13.67
N THR B 49 26.08 -0.86 -12.57
CA THR B 49 26.22 -1.47 -11.25
C THR B 49 24.86 -1.71 -10.60
N LEU B 50 24.73 -2.85 -9.94
CA LEU B 50 23.51 -3.16 -9.20
C LEU B 50 23.73 -3.07 -7.70
N LYS B 51 22.93 -2.24 -7.04
CA LYS B 51 22.93 -2.18 -5.58
C LYS B 51 21.70 -2.91 -5.10
N VAL B 52 21.92 -4.05 -4.43
CA VAL B 52 20.83 -4.95 -4.07
C VAL B 52 20.68 -5.09 -2.56
N PHE B 53 19.43 -5.28 -2.13
CA PHE B 53 19.14 -5.54 -0.73
C PHE B 53 18.27 -6.78 -0.60
N LEU B 54 18.80 -7.81 0.05
CA LEU B 54 18.12 -9.09 0.07
C LEU B 54 16.89 -9.06 0.98
N GLY B 55 16.82 -8.06 1.84
CA GLY B 55 15.69 -7.92 2.72
C GLY B 55 15.97 -8.50 4.08
N ARG B 56 15.20 -8.06 5.07
CA ARG B 56 15.26 -8.65 6.40
C ARG B 56 13.88 -8.56 7.04
N LYS B 57 13.05 -9.58 6.79
CA LYS B 57 11.70 -9.63 7.32
C LYS B 57 11.71 -9.42 8.84
N PRO B 58 10.70 -8.69 9.35
CA PRO B 58 9.63 -8.08 8.56
C PRO B 58 9.80 -6.59 8.26
N TYR B 59 10.74 -5.92 8.93
CA TYR B 59 10.86 -4.47 8.85
C TYR B 59 11.43 -3.97 7.53
N TRP B 60 12.18 -4.82 6.84
CA TRP B 60 12.90 -4.42 5.64
C TRP B 60 12.44 -5.13 4.39
N GLN B 61 11.87 -4.37 3.46
CA GLN B 61 11.48 -4.97 2.19
C GLN B 61 12.72 -5.04 1.30
N PRO B 62 12.87 -6.14 0.55
CA PRO B 62 14.01 -6.26 -0.35
C PRO B 62 13.85 -5.31 -1.53
N TRP B 63 14.97 -4.85 -2.09
CA TRP B 63 14.93 -3.97 -3.25
C TRP B 63 16.22 -4.01 -4.05
N VAL B 64 16.16 -3.52 -5.29
CA VAL B 64 17.34 -3.48 -6.14
C VAL B 64 17.49 -2.10 -6.78
N GLU B 65 18.72 -1.62 -6.82
CA GLU B 65 19.03 -0.32 -7.43
C GLU B 65 20.00 -0.53 -8.58
N VAL B 66 19.57 -0.14 -9.76
CA VAL B 66 20.42 -0.18 -10.94
C VAL B 66 20.92 1.23 -11.26
N PHE B 67 22.24 1.38 -11.32
CA PHE B 67 22.86 2.69 -11.52
C PHE B 67 24.23 2.54 -12.17
N GLY B 68 24.93 3.66 -12.35
CA GLY B 68 26.24 3.64 -12.96
C GLY B 68 26.21 3.08 -14.37
N VAL B 69 25.22 3.51 -15.13
CA VAL B 69 25.06 3.07 -16.51
C VAL B 69 26.18 3.68 -17.37
N ASN B 70 26.83 2.83 -18.17
CA ASN B 70 27.88 3.29 -19.07
C ASN B 70 27.31 4.24 -20.12
N PRO B 71 27.71 5.53 -20.08
CA PRO B 71 27.15 6.55 -20.97
C PRO B 71 27.39 6.28 -22.46
N ASN B 72 28.47 5.56 -22.78
CA ASN B 72 28.80 5.22 -24.17
C ASN B 72 27.86 4.16 -24.75
N LEU B 73 27.19 3.41 -23.88
CA LEU B 73 26.32 2.32 -24.31
C LEU B 73 24.88 2.74 -24.10
N ARG B 74 24.69 4.00 -23.73
CA ARG B 74 23.38 4.52 -23.35
C ARG B 74 22.35 4.41 -24.47
N ASN B 75 22.80 4.52 -25.71
CA ASN B 75 21.88 4.45 -26.85
C ASN B 75 21.67 3.02 -27.36
N VAL B 76 22.54 2.10 -26.95
CA VAL B 76 22.40 0.70 -27.34
C VAL B 76 21.51 -0.06 -26.33
N PHE B 77 21.73 0.18 -25.03
CA PHE B 77 21.05 -0.53 -23.95
C PHE B 77 19.60 -0.12 -23.72
N PHE B 78 19.36 1.16 -23.49
CA PHE B 78 18.02 1.63 -23.19
C PHE B 78 17.12 1.32 -24.37
N GLY B 79 16.07 0.53 -24.11
CA GLY B 79 15.12 0.13 -25.12
C GLY B 79 15.49 -1.13 -25.88
N SER B 80 16.43 -1.89 -25.33
CA SER B 80 16.90 -3.11 -25.99
C SER B 80 16.40 -4.34 -25.26
N GLU B 81 16.54 -5.50 -25.89
CA GLU B 81 16.16 -6.77 -25.25
C GLU B 81 17.02 -7.01 -24.02
N ALA B 82 18.26 -6.54 -24.07
CA ALA B 82 19.17 -6.63 -22.95
C ALA B 82 18.58 -5.92 -21.74
N GLU B 83 17.99 -4.76 -21.97
CA GLU B 83 17.31 -4.04 -20.90
C GLU B 83 16.11 -4.84 -20.42
N ARG B 84 15.33 -5.37 -21.36
CA ARG B 84 14.15 -6.16 -21.01
C ARG B 84 14.52 -7.44 -20.28
N LYS B 85 15.47 -8.20 -20.81
CA LYS B 85 15.85 -9.47 -20.20
C LYS B 85 16.33 -9.28 -18.76
N LEU B 86 17.00 -8.17 -18.50
CA LEU B 86 17.51 -7.86 -17.18
C LEU B 86 16.37 -7.60 -16.19
N TYR B 87 15.42 -6.76 -16.58
CA TYR B 87 14.31 -6.42 -15.71
C TYR B 87 13.46 -7.65 -15.48
N GLU B 88 13.28 -8.42 -16.54
CA GLU B 88 12.55 -9.68 -16.48
C GLU B 88 13.16 -10.53 -15.38
N PHE B 89 14.49 -10.55 -15.34
CA PHE B 89 15.21 -11.30 -14.32
C PHE B 89 14.99 -10.73 -12.92
N LEU B 90 15.16 -9.41 -12.79
CA LEU B 90 15.04 -8.77 -11.49
C LEU B 90 13.63 -8.86 -10.90
N SER B 91 12.62 -8.75 -11.75
CA SER B 91 11.23 -8.75 -11.30
C SER B 91 10.83 -10.05 -10.60
N GLU B 92 11.62 -11.09 -10.80
CA GLU B 92 11.39 -12.39 -10.18
C GLU B 92 11.88 -12.43 -8.73
N HIS B 93 12.69 -11.45 -8.34
CA HIS B 93 13.30 -11.45 -7.01
C HIS B 93 12.99 -10.21 -6.15
N PHE B 94 12.64 -9.09 -6.77
CA PHE B 94 12.43 -7.84 -6.02
C PHE B 94 11.08 -7.20 -6.29
N GLY B 95 10.38 -6.84 -5.22
CA GLY B 95 9.11 -6.14 -5.34
C GLY B 95 9.29 -4.64 -5.48
N ARG B 96 10.48 -4.17 -5.12
CA ARG B 96 10.79 -2.73 -5.16
C ARG B 96 12.10 -2.50 -5.93
N ILE B 97 12.08 -1.53 -6.84
CA ILE B 97 13.25 -1.27 -7.70
C ILE B 97 13.53 0.22 -7.95
N PHE B 98 14.81 0.58 -8.05
CA PHE B 98 15.21 1.94 -8.38
C PHE B 98 16.06 1.98 -9.64
N VAL B 99 15.73 2.88 -10.56
CA VAL B 99 16.46 2.96 -11.83
C VAL B 99 16.91 4.39 -12.16
N GLU B 100 18.21 4.55 -12.35
CA GLU B 100 18.79 5.81 -12.79
C GLU B 100 18.49 6.09 -14.26
N TYR B 101 17.81 7.21 -14.53
CA TYR B 101 17.41 7.51 -15.89
C TYR B 101 18.23 8.65 -16.49
N PHE B 102 19.37 8.95 -15.87
CA PHE B 102 20.27 9.98 -16.38
C PHE B 102 20.72 9.66 -17.81
N GLU B 103 21.15 8.43 -18.03
CA GLU B 103 21.67 8.06 -19.33
C GLU B 103 20.55 7.66 -20.28
N ASP B 104 19.31 7.85 -19.85
CA ASP B 104 18.17 7.55 -20.69
C ASP B 104 17.53 8.85 -21.13
N LYS B 105 17.97 9.35 -22.27
CA LYS B 105 17.54 10.62 -22.82
C LYS B 105 16.03 10.67 -23.07
N GLU B 106 15.49 9.59 -23.63
CA GLU B 106 14.06 9.50 -23.92
C GLU B 106 13.24 9.67 -22.65
N THR B 107 13.52 8.84 -21.65
CA THR B 107 12.84 8.90 -20.37
C THR B 107 12.99 10.27 -19.72
N THR B 108 14.21 10.79 -19.76
CA THR B 108 14.54 12.10 -19.20
C THR B 108 13.68 13.20 -19.80
N TYR B 109 13.70 13.29 -21.14
CA TYR B 109 12.88 14.26 -21.85
C TYR B 109 11.40 14.11 -21.51
N GLU B 110 10.94 12.87 -21.50
CA GLU B 110 9.54 12.56 -21.20
C GLU B 110 9.14 13.02 -19.80
N LEU B 111 9.97 12.69 -18.82
CA LEU B 111 9.69 13.07 -17.45
C LEU B 111 9.66 14.60 -17.30
N GLN B 112 10.53 15.27 -18.06
CA GLN B 112 10.59 16.73 -18.02
C GLN B 112 9.32 17.37 -18.60
N LYS B 113 8.71 16.69 -19.57
CA LYS B 113 7.52 17.24 -20.24
C LYS B 113 6.24 16.86 -19.52
N GLY B 114 6.41 16.23 -18.35
CA GLY B 114 5.28 15.98 -17.45
C GLY B 114 4.58 14.65 -17.58
N VAL B 115 5.15 13.72 -18.34
CA VAL B 115 4.54 12.39 -18.45
C VAL B 115 4.58 11.66 -17.12
N PRO B 116 3.52 10.87 -16.84
CA PRO B 116 3.54 10.01 -15.66
C PRO B 116 4.70 9.03 -15.70
N PRO B 117 5.35 8.77 -14.55
CA PRO B 117 6.55 7.94 -14.46
C PRO B 117 6.30 6.57 -15.07
N ALA B 118 5.13 6.02 -14.77
CA ALA B 118 4.76 4.69 -15.25
C ALA B 118 4.63 4.66 -16.75
N LEU B 119 4.39 5.83 -17.35
CA LEU B 119 4.14 5.89 -18.79
C LEU B 119 5.34 6.45 -19.55
N SER B 120 6.47 6.60 -18.87
CA SER B 120 7.72 6.96 -19.54
C SER B 120 8.31 5.73 -20.23
N ARG B 121 9.24 5.93 -21.17
CA ARG B 121 9.85 4.81 -21.91
C ARG B 121 10.43 3.77 -20.97
N LEU B 122 11.17 4.24 -19.97
CA LEU B 122 11.77 3.36 -19.00
C LEU B 122 10.71 2.80 -18.08
N GLY B 123 9.85 3.68 -17.58
CA GLY B 123 8.81 3.30 -16.64
C GLY B 123 7.82 2.29 -17.20
N PHE B 124 7.57 2.38 -18.50
CA PHE B 124 6.61 1.48 -19.14
C PHE B 124 7.11 0.04 -19.10
N GLU B 125 8.41 -0.14 -19.25
CA GLU B 125 9.00 -1.47 -19.24
C GLU B 125 8.85 -2.13 -17.88
N LEU B 126 8.86 -1.33 -16.81
CA LEU B 126 8.67 -1.86 -15.46
C LEU B 126 7.20 -2.16 -15.22
N LEU B 127 6.36 -1.29 -15.76
CA LEU B 127 4.92 -1.43 -15.65
C LEU B 127 4.48 -2.75 -16.21
N LYS B 128 5.10 -3.12 -17.33
CA LYS B 128 4.80 -4.37 -18.01
C LYS B 128 5.02 -5.56 -17.09
N LEU B 129 5.96 -5.41 -16.16
CA LEU B 129 6.37 -6.53 -15.33
C LEU B 129 5.61 -6.63 -14.02
N GLY B 130 4.59 -5.79 -13.86
CA GLY B 130 3.73 -5.89 -12.68
C GLY B 130 3.95 -4.82 -11.63
N TYR B 131 4.90 -3.92 -11.87
CA TYR B 131 5.15 -2.80 -10.97
C TYR B 131 4.09 -1.74 -11.17
N THR B 132 3.40 -1.39 -10.11
CA THR B 132 2.25 -0.49 -10.23
C THR B 132 2.45 0.84 -9.51
N TYR B 133 3.24 0.86 -8.45
CA TYR B 133 3.41 2.09 -7.70
C TYR B 133 4.72 2.76 -8.10
N PHE B 134 4.64 4.03 -8.50
CA PHE B 134 5.80 4.74 -9.03
C PHE B 134 6.10 6.07 -8.35
N ARG B 135 7.39 6.39 -8.25
CA ARG B 135 7.87 7.66 -7.69
C ARG B 135 9.04 8.22 -8.47
N ASP B 136 8.94 9.49 -8.90
CA ASP B 136 10.01 10.10 -9.69
C ASP B 136 10.89 10.98 -8.81
N TRP B 137 12.13 10.54 -8.62
CA TRP B 137 13.13 11.33 -7.91
C TRP B 137 13.93 12.21 -8.86
N PHE B 138 13.97 13.51 -8.56
CA PHE B 138 14.70 14.49 -9.36
C PHE B 138 15.47 15.30 -8.33
N ILE B 139 14.98 15.19 -7.10
CA ILE B 139 15.63 15.75 -5.94
C ILE B 139 16.41 14.61 -5.30
N PRO B 140 17.74 14.76 -5.16
CA PRO B 140 18.44 13.72 -4.39
C PRO B 140 18.06 13.74 -2.90
N GLU B 141 17.23 14.71 -2.51
CA GLU B 141 16.66 14.87 -1.17
C GLU B 141 17.68 14.76 -0.02
N GLY B 142 18.93 15.12 -0.31
CA GLY B 142 20.02 15.12 0.66
C GLY B 142 20.77 13.82 0.92
N LEU B 143 20.09 12.81 1.46
CA LEU B 143 20.74 11.55 1.83
C LEU B 143 20.53 10.43 0.79
N MET B 144 20.42 10.79 -0.49
CA MET B 144 20.29 9.81 -1.57
C MET B 144 21.25 10.12 -2.71
N GLU B 145 22.12 9.15 -3.01
CA GLU B 145 23.14 9.32 -4.04
C GLU B 145 22.54 9.10 -5.42
N GLY B 146 22.85 9.98 -6.38
CA GLY B 146 22.27 9.85 -7.70
C GLY B 146 20.79 10.17 -7.69
N GLY B 147 20.43 11.42 -7.38
CA GLY B 147 19.04 11.74 -7.14
C GLY B 147 18.21 11.95 -8.38
N HIS B 148 18.49 11.11 -9.38
CA HIS B 148 17.70 11.05 -10.61
C HIS B 148 17.32 9.61 -10.91
N LYS B 149 16.32 9.11 -10.18
CA LYS B 149 15.92 7.71 -10.26
C LYS B 149 14.41 7.55 -10.27
N ILE B 150 13.97 6.46 -10.90
CA ILE B 150 12.56 6.05 -10.86
C ILE B 150 12.37 4.88 -9.89
N GLN B 151 11.45 5.04 -8.94
CA GLN B 151 11.14 4.01 -7.95
C GLN B 151 9.84 3.29 -8.31
N ALA B 152 9.87 1.96 -8.36
CA ALA B 152 8.68 1.19 -8.70
C ALA B 152 8.45 0.05 -7.73
N GLU B 153 7.20 -0.12 -7.31
CA GLU B 153 6.87 -1.17 -6.37
C GLU B 153 5.68 -1.99 -6.89
N LYS B 154 5.69 -3.28 -6.60
CA LYS B 154 4.57 -4.16 -6.92
C LYS B 154 3.45 -3.96 -5.91
N PRO B 155 2.19 -4.10 -6.36
CA PRO B 155 1.04 -3.79 -5.49
C PRO B 155 0.91 -4.74 -4.30
N LYS B 156 0.52 -4.18 -3.14
CA LYS B 156 0.38 -4.96 -1.93
C LYS B 156 -0.77 -5.95 -2.08
N THR B 157 -1.86 -5.43 -2.62
CA THR B 157 -3.10 -6.19 -2.79
C THR B 157 -3.77 -5.83 -4.11
N ALA B 158 -4.81 -6.58 -4.45
CA ALA B 158 -5.62 -6.28 -5.63
C ALA B 158 -6.29 -4.92 -5.51
N GLU B 159 -6.62 -4.53 -4.28
CA GLU B 159 -7.19 -3.22 -4.03
C GLU B 159 -6.15 -2.18 -4.33
N ALA B 160 -4.93 -2.43 -3.86
CA ALA B 160 -3.81 -1.53 -4.09
C ALA B 160 -3.49 -1.49 -5.58
N LYS B 161 -3.53 -2.64 -6.24
CA LYS B 161 -3.30 -2.69 -7.68
C LYS B 161 -4.35 -1.89 -8.43
N ALA B 162 -5.62 -2.08 -8.06
CA ALA B 162 -6.72 -1.36 -8.70
C ALA B 162 -6.62 0.13 -8.38
N ARG B 163 -6.23 0.41 -7.15
CA ARG B 163 -6.04 1.78 -6.68
C ARG B 163 -4.99 2.51 -7.50
N HIS B 164 -3.87 1.83 -7.73
CA HIS B 164 -2.76 2.42 -8.47
C HIS B 164 -3.11 2.68 -9.92
N LEU B 165 -3.76 1.70 -10.56
CA LEU B 165 -4.12 1.82 -11.96
C LEU B 165 -5.14 2.92 -12.18
N ALA B 166 -6.06 3.06 -11.23
CA ALA B 166 -7.06 4.09 -11.30
C ALA B 166 -6.40 5.46 -11.22
N ASN B 167 -5.42 5.58 -10.35
CA ASN B 167 -4.70 6.83 -10.20
C ASN B 167 -3.89 7.16 -11.45
N LEU B 168 -3.29 6.14 -12.05
CA LEU B 168 -2.53 6.33 -13.28
C LEU B 168 -3.44 6.78 -14.41
N LYS B 169 -4.67 6.27 -14.38
CA LYS B 169 -5.69 6.67 -15.35
C LYS B 169 -5.95 8.16 -15.22
N LYS B 170 -5.94 8.66 -13.99
CA LYS B 170 -6.12 10.09 -13.73
C LYS B 170 -4.94 10.94 -14.22
N GLU B 171 -3.71 10.50 -13.95
CA GLU B 171 -2.52 11.25 -14.38
C GLU B 171 -2.40 11.28 -15.89
N PHE B 172 -2.84 10.19 -16.50
CA PHE B 172 -2.80 10.03 -17.95
C PHE B 172 -3.70 11.04 -18.66
N GLU B 173 -4.98 11.06 -18.28
CA GLU B 173 -5.93 11.96 -18.90
C GLU B 173 -5.54 13.42 -18.67
N GLU B 174 -5.04 13.71 -17.47
CA GLU B 174 -4.54 15.04 -17.12
C GLU B 174 -3.35 15.45 -17.98
N PHE B 175 -2.47 14.49 -18.26
CA PHE B 175 -1.31 14.73 -19.11
C PHE B 175 -1.73 14.99 -20.55
N ILE B 176 -2.67 14.20 -21.06
CA ILE B 176 -3.17 14.33 -22.43
C ILE B 176 -3.67 15.74 -22.73
N GLY B 177 -4.45 16.29 -21.81
CA GLY B 177 -4.98 17.63 -21.93
C GLY B 177 -3.94 18.72 -21.79
N LYS B 178 -2.82 18.41 -21.14
CA LYS B 178 -1.79 19.42 -20.86
C LYS B 178 -0.64 19.46 -21.89
N CYS B 179 -0.40 18.36 -22.61
CA CYS B 179 0.73 18.34 -23.55
C CYS B 179 0.33 18.85 -24.94
N GLU B 180 1.30 19.44 -25.65
CA GLU B 180 1.06 20.02 -26.97
C GLU B 180 1.92 19.36 -28.04
N ASP B 181 2.43 18.17 -27.71
CA ASP B 181 3.27 17.41 -28.61
C ASP B 181 2.52 16.15 -29.06
N GLU B 182 2.08 16.15 -30.31
CA GLU B 182 1.31 15.04 -30.87
C GLU B 182 2.14 13.76 -30.95
N GLY B 183 3.41 13.90 -31.30
CA GLY B 183 4.32 12.77 -31.33
C GLY B 183 4.45 12.16 -29.96
N LEU B 184 4.57 13.01 -28.96
CA LEU B 184 4.67 12.56 -27.57
C LEU B 184 3.39 11.86 -27.14
N ILE B 185 2.25 12.52 -27.35
CA ILE B 185 0.94 11.99 -26.98
C ILE B 185 0.66 10.65 -27.66
N LYS B 186 1.03 10.53 -28.93
CA LYS B 186 0.84 9.28 -29.65
C LYS B 186 1.57 8.10 -29.01
N LYS B 187 2.84 8.30 -28.67
CA LYS B 187 3.65 7.27 -28.02
C LYS B 187 3.01 6.84 -26.70
N VAL B 188 2.61 7.83 -25.90
CA VAL B 188 2.01 7.57 -24.60
C VAL B 188 0.70 6.80 -24.74
N LYS B 189 -0.13 7.23 -25.69
CA LYS B 189 -1.43 6.60 -25.88
C LYS B 189 -1.24 5.16 -26.31
N GLU B 190 -0.25 4.92 -27.18
CA GLU B 190 0.08 3.57 -27.62
C GLU B 190 0.44 2.69 -26.44
N ARG B 191 1.19 3.25 -25.50
CA ARG B 191 1.59 2.52 -24.31
C ARG B 191 0.39 2.21 -23.43
N TYR B 192 -0.43 3.24 -23.19
CA TYR B 192 -1.59 3.11 -22.33
C TYR B 192 -2.57 2.08 -22.88
N ASN B 193 -2.81 2.12 -24.19
CA ASN B 193 -3.69 1.15 -24.81
C ASN B 193 -3.22 -0.26 -24.54
N PHE B 194 -1.92 -0.48 -24.69
CA PHE B 194 -1.34 -1.79 -24.43
C PHE B 194 -1.59 -2.22 -22.99
N LEU B 195 -1.62 -1.25 -22.08
CA LEU B 195 -1.89 -1.54 -20.68
C LEU B 195 -3.29 -2.07 -20.56
N GLU B 196 -4.23 -1.42 -21.24
CA GLU B 196 -5.61 -1.88 -21.26
C GLU B 196 -5.62 -3.32 -21.77
N GLU B 197 -4.82 -3.57 -22.80
CA GLU B 197 -4.80 -4.89 -23.42
C GLU B 197 -4.40 -5.99 -22.47
N GLU B 198 -3.32 -5.77 -21.74
CA GLU B 198 -2.79 -6.80 -20.85
C GLU B 198 -3.77 -7.16 -19.74
N ILE B 199 -4.52 -6.17 -19.27
CA ILE B 199 -5.49 -6.43 -18.23
C ILE B 199 -6.61 -7.27 -18.80
N TYR B 200 -7.07 -6.88 -19.99
CA TYR B 200 -8.12 -7.61 -20.67
C TYR B 200 -7.67 -9.02 -21.03
N GLU B 201 -6.41 -9.13 -21.48
CA GLU B 201 -5.88 -10.43 -21.89
C GLU B 201 -5.79 -11.35 -20.68
N ARG B 202 -5.57 -10.77 -19.51
CA ARG B 202 -5.57 -11.54 -18.27
C ARG B 202 -6.99 -11.96 -17.91
N CYS B 203 -7.95 -11.07 -18.17
CA CYS B 203 -9.36 -11.39 -17.92
C CYS B 203 -9.81 -12.50 -18.85
N ARG B 204 -9.41 -12.40 -20.11
CA ARG B 204 -9.77 -13.40 -21.11
C ARG B 204 -9.36 -14.79 -20.66
N LEU B 205 -8.12 -14.90 -20.18
CA LEU B 205 -7.55 -16.19 -19.86
C LEU B 205 -8.04 -16.71 -18.52
N ALA B 206 -8.16 -15.82 -17.54
CA ALA B 206 -8.71 -16.16 -16.23
C ALA B 206 -10.13 -16.66 -16.40
N ALA B 207 -10.85 -16.05 -17.35
CA ALA B 207 -12.21 -16.43 -17.68
C ALA B 207 -12.29 -17.86 -18.20
N HIS B 208 -11.42 -18.20 -19.13
CA HIS B 208 -11.44 -19.56 -19.69
C HIS B 208 -11.12 -20.58 -18.62
N HIS B 209 -10.03 -20.34 -17.87
CA HIS B 209 -9.57 -21.29 -16.85
C HIS B 209 -10.58 -21.42 -15.71
N CYS B 210 -11.51 -20.47 -15.65
CA CYS B 210 -12.60 -20.52 -14.69
C CYS B 210 -13.74 -21.35 -15.27
N ILE B 211 -14.03 -21.16 -16.56
CA ILE B 211 -15.06 -21.95 -17.24
C ILE B 211 -14.76 -23.45 -17.17
N HIS B 212 -13.51 -23.81 -17.48
CA HIS B 212 -13.06 -25.20 -17.51
C HIS B 212 -13.19 -25.85 -16.14
N ALA B 213 -12.98 -25.04 -15.10
CA ALA B 213 -13.06 -25.49 -13.72
C ALA B 213 -14.51 -25.83 -13.38
N CYS B 214 -15.43 -24.97 -13.81
CA CYS B 214 -16.86 -25.22 -13.61
C CYS B 214 -17.37 -26.35 -14.49
N GLU B 215 -16.92 -26.38 -15.74
CA GLU B 215 -17.31 -27.42 -16.70
C GLU B 215 -16.97 -28.80 -16.16
N ARG B 216 -15.71 -28.98 -15.75
CA ARG B 216 -15.21 -30.26 -15.21
C ARG B 216 -15.88 -30.62 -13.88
N TYR B 217 -16.20 -29.61 -13.08
CA TYR B 217 -16.86 -29.81 -11.78
C TYR B 217 -18.25 -30.40 -11.95
N LEU B 218 -19.16 -29.66 -12.58
CA LEU B 218 -20.52 -30.13 -12.76
C LEU B 218 -20.59 -31.42 -13.57
N ALA B 219 -19.62 -31.61 -14.45
CA ALA B 219 -19.58 -32.81 -15.26
C ALA B 219 -19.13 -34.00 -14.43
N LEU B 220 -17.94 -33.94 -13.84
CA LEU B 220 -17.35 -35.12 -13.21
C LEU B 220 -17.76 -35.29 -11.75
N CYS B 221 -17.90 -34.19 -11.01
CA CYS B 221 -18.34 -34.27 -9.62
C CYS B 221 -19.83 -34.63 -9.57
N THR B 222 -20.11 -35.91 -9.30
CA THR B 222 -21.48 -36.44 -9.32
C THR B 222 -22.20 -36.20 -7.98
N GLU B 223 -21.45 -36.25 -6.88
CA GLU B 223 -21.98 -36.07 -5.54
C GLU B 223 -22.09 -34.59 -5.14
N SER B 224 -22.94 -33.84 -5.84
CA SER B 224 -23.15 -32.42 -5.54
C SER B 224 -24.63 -32.05 -5.60
N SER B 225 -24.98 -30.89 -5.05
CA SER B 225 -26.36 -30.41 -5.03
C SER B 225 -26.78 -29.96 -6.44
N ARG B 226 -28.05 -29.60 -6.61
CA ARG B 226 -28.52 -29.09 -7.89
C ARG B 226 -28.36 -27.58 -7.86
N GLU B 227 -28.28 -27.06 -6.64
CA GLU B 227 -27.97 -25.66 -6.42
C GLU B 227 -26.52 -25.40 -6.79
N GLN B 228 -25.70 -26.42 -6.63
CA GLN B 228 -24.29 -26.32 -6.97
C GLN B 228 -24.14 -26.57 -8.46
N ARG B 229 -25.03 -27.40 -8.98
CA ARG B 229 -25.07 -27.66 -10.41
C ARG B 229 -25.59 -26.42 -11.12
N GLN B 230 -26.39 -25.63 -10.42
CA GLN B 230 -26.91 -24.39 -10.97
C GLN B 230 -25.89 -23.28 -10.80
N HIS B 231 -25.13 -23.36 -9.72
CA HIS B 231 -24.07 -22.39 -9.45
C HIS B 231 -22.99 -22.46 -10.49
N ALA B 232 -22.36 -23.62 -10.60
CA ALA B 232 -21.26 -23.81 -11.54
C ALA B 232 -21.74 -23.71 -12.98
N GLY B 233 -22.98 -24.12 -13.22
CA GLY B 233 -23.54 -24.08 -14.56
C GLY B 233 -23.67 -22.67 -15.06
N ASP B 234 -24.43 -21.86 -14.35
CA ASP B 234 -24.72 -20.50 -14.78
C ASP B 234 -23.43 -19.69 -14.86
N CYS B 235 -22.55 -19.89 -13.88
CA CYS B 235 -21.27 -19.19 -13.84
C CYS B 235 -20.47 -19.45 -15.12
N ALA B 236 -20.44 -20.71 -15.54
CA ALA B 236 -19.71 -21.10 -16.75
C ALA B 236 -20.19 -20.30 -17.95
N ASP B 237 -21.49 -20.04 -17.99
CA ASP B 237 -22.06 -19.28 -19.08
C ASP B 237 -21.87 -17.78 -18.88
N LEU B 238 -21.88 -17.33 -17.63
CA LEU B 238 -21.63 -15.92 -17.36
C LEU B 238 -20.24 -15.54 -17.83
N CYS B 239 -19.28 -16.38 -17.49
CA CYS B 239 -17.89 -16.17 -17.91
C CYS B 239 -17.77 -16.33 -19.41
N ARG B 240 -18.66 -17.12 -19.98
CA ARG B 240 -18.66 -17.33 -21.42
C ARG B 240 -19.06 -16.05 -22.13
N LEU B 241 -20.14 -15.44 -21.65
CA LEU B 241 -20.63 -14.18 -22.20
C LEU B 241 -19.60 -13.09 -22.05
N ALA B 242 -19.04 -12.99 -20.85
CA ALA B 242 -18.01 -11.99 -20.55
C ALA B 242 -16.80 -12.17 -21.48
N ALA B 243 -16.38 -13.43 -21.63
CA ALA B 243 -15.24 -13.72 -22.49
C ALA B 243 -15.48 -13.24 -23.91
N LEU B 244 -16.70 -13.44 -24.43
CA LEU B 244 -17.03 -13.03 -25.78
C LEU B 244 -16.85 -11.53 -25.99
N LEU B 245 -17.22 -10.74 -24.99
CA LEU B 245 -17.09 -9.28 -25.07
C LEU B 245 -15.64 -8.82 -24.97
N LEU B 246 -14.84 -9.54 -24.18
CA LEU B 246 -13.43 -9.21 -24.06
C LEU B 246 -12.71 -9.57 -25.35
N GLU B 247 -13.12 -10.70 -25.92
CA GLU B 247 -12.54 -11.22 -27.15
C GLU B 247 -12.68 -10.23 -28.31
N ARG B 248 -13.85 -9.62 -28.40
CA ARG B 248 -14.11 -8.64 -29.44
C ARG B 248 -13.68 -7.26 -28.98
N ARG B 249 -13.17 -7.22 -27.74
CA ARG B 249 -12.74 -5.99 -27.09
C ARG B 249 -13.85 -4.95 -27.14
N SER B 250 -14.99 -5.29 -26.54
CA SER B 250 -16.17 -4.44 -26.53
C SER B 250 -16.16 -3.49 -25.34
N PRO B 251 -16.76 -2.29 -25.52
CA PRO B 251 -16.84 -1.29 -24.45
C PRO B 251 -17.73 -1.74 -23.30
N TRP B 252 -18.64 -2.65 -23.58
CA TRP B 252 -19.56 -3.16 -22.58
C TRP B 252 -19.01 -4.38 -21.85
N ALA B 253 -17.77 -4.74 -22.15
CA ALA B 253 -17.15 -5.90 -21.52
C ALA B 253 -17.08 -5.80 -19.99
N PRO B 254 -16.61 -4.66 -19.44
CA PRO B 254 -16.46 -4.67 -17.98
C PRO B 254 -17.80 -4.79 -17.24
N ALA B 255 -18.86 -4.27 -17.85
CA ALA B 255 -20.19 -4.38 -17.27
C ALA B 255 -20.54 -5.84 -17.09
N ALA B 256 -20.18 -6.65 -18.09
CA ALA B 256 -20.41 -8.08 -18.04
C ALA B 256 -19.51 -8.73 -17.02
N CYS B 257 -18.24 -8.33 -17.01
CA CYS B 257 -17.28 -8.86 -16.06
C CYS B 257 -17.69 -8.59 -14.63
N GLU B 258 -18.29 -7.43 -14.39
CA GLU B 258 -18.77 -7.07 -13.06
C GLU B 258 -19.79 -8.08 -12.55
N LEU B 259 -20.76 -8.42 -13.40
CA LEU B 259 -21.81 -9.36 -13.02
C LEU B 259 -21.26 -10.76 -12.84
N ALA B 260 -20.52 -11.22 -13.84
CA ALA B 260 -19.96 -12.56 -13.82
C ALA B 260 -19.10 -12.77 -12.59
N ALA B 261 -18.41 -11.71 -12.17
CA ALA B 261 -17.54 -11.79 -11.00
C ALA B 261 -18.35 -12.07 -9.75
N ARG B 262 -19.55 -11.49 -9.68
CA ARG B 262 -20.42 -11.65 -8.51
C ARG B 262 -20.85 -13.10 -8.27
N TYR B 263 -21.25 -13.78 -9.33
CA TYR B 263 -21.74 -15.15 -9.21
C TYR B 263 -20.64 -16.17 -9.42
N ALA B 264 -19.43 -15.69 -9.71
CA ALA B 264 -18.28 -16.56 -9.72
C ALA B 264 -17.79 -16.70 -8.29
N LEU B 265 -17.85 -15.58 -7.57
CA LEU B 265 -17.54 -15.57 -6.16
C LEU B 265 -18.58 -16.37 -5.40
N ALA B 266 -19.85 -16.19 -5.78
CA ALA B 266 -20.94 -16.92 -5.16
C ALA B 266 -20.75 -18.42 -5.41
N CYS B 267 -20.24 -18.76 -6.58
CA CYS B 267 -19.99 -20.15 -6.91
C CYS B 267 -18.83 -20.70 -6.09
N ALA B 268 -17.75 -19.90 -6.01
CA ALA B 268 -16.55 -20.30 -5.30
C ALA B 268 -16.84 -20.58 -3.83
N GLU B 269 -17.54 -19.66 -3.18
CA GLU B 269 -17.89 -19.80 -1.77
C GLU B 269 -18.72 -21.06 -1.51
N ARG B 270 -19.63 -21.35 -2.43
CA ARG B 270 -20.60 -22.42 -2.20
C ARG B 270 -20.12 -23.80 -2.67
N CYS B 271 -19.31 -23.84 -3.73
CA CYS B 271 -18.85 -25.09 -4.31
C CYS B 271 -17.47 -25.56 -3.86
N ASP B 272 -16.78 -24.73 -3.07
CA ASP B 272 -15.44 -25.07 -2.59
C ASP B 272 -15.49 -26.26 -1.64
N GLY B 273 -14.53 -27.17 -1.76
CA GLY B 273 -14.51 -28.34 -0.89
C GLY B 273 -13.17 -29.03 -0.84
N ASP B 274 -13.19 -30.26 -0.33
CA ASP B 274 -11.99 -31.05 -0.17
C ASP B 274 -11.50 -31.67 -1.47
N GLU B 275 -12.45 -32.01 -2.35
CA GLU B 275 -12.12 -32.64 -3.63
C GLU B 275 -11.20 -31.79 -4.52
N PRO B 276 -10.43 -32.45 -5.40
CA PRO B 276 -9.60 -31.73 -6.36
C PRO B 276 -10.43 -30.94 -7.36
N LEU B 277 -11.63 -31.45 -7.67
CA LEU B 277 -12.54 -30.78 -8.61
C LEU B 277 -13.07 -29.48 -8.05
N GLU B 278 -13.37 -29.47 -6.75
CA GLU B 278 -13.89 -28.29 -6.06
C GLU B 278 -12.77 -27.36 -5.57
N ARG B 279 -11.57 -27.92 -5.44
CA ARG B 279 -10.39 -27.15 -5.06
C ARG B 279 -9.97 -26.22 -6.19
N GLU B 280 -10.08 -26.72 -7.41
CA GLU B 280 -9.71 -25.96 -8.60
C GLU B 280 -10.90 -25.17 -9.14
N CYS B 281 -12.11 -25.63 -8.83
CA CYS B 281 -13.32 -24.94 -9.28
C CYS B 281 -13.40 -23.59 -8.58
N ALA B 282 -13.48 -23.63 -7.25
CA ALA B 282 -13.51 -22.42 -6.44
C ALA B 282 -12.24 -21.60 -6.67
N GLY B 283 -11.12 -22.29 -6.86
CA GLY B 283 -9.85 -21.65 -7.13
C GLY B 283 -9.83 -20.78 -8.37
N ALA B 284 -10.11 -21.38 -9.52
CA ALA B 284 -10.08 -20.68 -10.81
C ALA B 284 -11.12 -19.57 -10.91
N CYS B 285 -12.19 -19.70 -10.13
CA CYS B 285 -13.22 -18.68 -10.06
C CYS B 285 -12.65 -17.41 -9.46
N ARG B 286 -11.97 -17.59 -8.34
CA ARG B 286 -11.39 -16.50 -7.56
C ARG B 286 -10.27 -15.79 -8.33
N ARG B 287 -9.60 -16.52 -9.23
CA ARG B 287 -8.56 -15.95 -10.09
C ARG B 287 -9.15 -15.02 -11.14
N PHE B 288 -10.37 -15.34 -11.58
CA PHE B 288 -11.06 -14.50 -12.54
C PHE B 288 -11.60 -13.26 -11.86
N VAL B 289 -12.15 -13.45 -10.66
CA VAL B 289 -12.68 -12.36 -9.86
C VAL B 289 -11.63 -11.30 -9.62
N ALA B 290 -10.42 -11.76 -9.31
CA ALA B 290 -9.30 -10.86 -9.12
C ALA B 290 -8.97 -10.15 -10.43
N ALA B 291 -9.04 -10.90 -11.53
CA ALA B 291 -8.66 -10.37 -12.84
C ALA B 291 -9.53 -9.18 -13.24
N CYS B 292 -10.77 -9.19 -12.77
CA CYS B 292 -11.74 -8.16 -13.12
C CYS B 292 -11.62 -6.88 -12.29
N HIS B 293 -11.00 -6.98 -11.12
CA HIS B 293 -10.85 -5.83 -10.22
C HIS B 293 -10.28 -4.58 -10.89
N PRO B 294 -9.20 -4.71 -11.68
CA PRO B 294 -8.63 -3.49 -12.27
C PRO B 294 -9.54 -2.76 -13.29
N LEU B 295 -10.74 -3.29 -13.56
CA LEU B 295 -11.67 -2.61 -14.44
C LEU B 295 -12.48 -1.56 -13.69
#